data_3MZV
#
_entry.id   3MZV
#
_cell.length_a   123.459
_cell.length_b   90.245
_cell.length_c   80.167
_cell.angle_alpha   90.00
_cell.angle_beta   125.76
_cell.angle_gamma   90.00
#
_symmetry.space_group_name_H-M   'C 1 2 1'
#
loop_
_entity.id
_entity.type
_entity.pdbx_description
1 polymer 'Decaprenyl diphosphate synthase'
2 water water
#
_entity_poly.entity_id   1
_entity_poly.type   'polypeptide(L)'
_entity_poly.pdbx_seq_one_letter_code
;MSLDDKATKPHDRLAQALAEDMAAVNALIRERMSSEHAPRIPEVTAHLIEAGGKRLRPMLTLAAARLVGYGGPFHVHLAA
TVEFIHTATLLHDDVVDESRQRRGRPTANLLWDNKSSVLVGDYLFARSFQLMTDTGNMRVMEILANASAVIAEGEVLQLT
AAQNLATTEDIYLRVIRGKTAALFSAATEVGGIIGGAPEDQVQALFDYGDALGIAFQIVDDLLDYGGKSAEIGKNTGDDF
RERKLTMPVIKAVALADEAERAFWKRVIEKGDQQDGDLEHAMALMTKHGTLEATRLAAIGWTDTARKALAKLPDHPLRQM
LDDLADYVVERVREGHHHHHH
;
_entity_poly.pdbx_strand_id   A,B
#
# COMPACT_ATOMS: atom_id res chain seq x y z
N LYS A 9 -6.02 35.00 -3.01
CA LYS A 9 -5.58 33.89 -3.92
C LYS A 9 -6.65 32.79 -4.07
N PRO A 10 -6.61 32.03 -5.19
CA PRO A 10 -7.72 31.11 -5.46
C PRO A 10 -7.84 29.98 -4.47
N HIS A 11 -6.71 29.45 -4.02
CA HIS A 11 -6.77 28.36 -3.03
C HIS A 11 -7.34 28.86 -1.67
N ASP A 12 -7.17 30.16 -1.38
CA ASP A 12 -7.73 30.78 -0.17
C ASP A 12 -9.23 31.01 -0.26
N ARG A 13 -9.70 31.52 -1.40
CA ARG A 13 -11.15 31.67 -1.62
C ARG A 13 -11.86 30.31 -1.64
N LEU A 14 -11.24 29.30 -2.25
CA LEU A 14 -11.72 27.91 -2.20
C LEU A 14 -11.85 27.43 -0.77
N ALA A 15 -10.81 27.62 0.05
CA ALA A 15 -10.84 27.17 1.42
C ALA A 15 -11.93 27.89 2.21
N GLN A 16 -12.15 29.18 1.95
CA GLN A 16 -13.24 29.92 2.59
CA GLN A 16 -13.21 29.89 2.63
C GLN A 16 -14.58 29.36 2.17
N ALA A 17 -14.76 29.20 0.86
CA ALA A 17 -16.02 28.68 0.32
C ALA A 17 -16.32 27.26 0.79
N LEU A 18 -15.30 26.43 1.01
CA LEU A 18 -15.50 25.06 1.41
C LEU A 18 -15.26 24.78 2.92
N ALA A 19 -15.29 25.83 3.74
CA ALA A 19 -14.85 25.76 5.13
C ALA A 19 -15.59 24.69 5.90
N GLU A 20 -16.92 24.70 5.78
CA GLU A 20 -17.73 23.73 6.49
C GLU A 20 -17.29 22.30 6.11
N ASP A 21 -17.19 22.08 4.81
CA ASP A 21 -16.86 20.74 4.32
C ASP A 21 -15.46 20.31 4.74
N MET A 22 -14.49 21.24 4.75
CA MET A 22 -13.11 20.91 5.14
C MET A 22 -12.97 20.60 6.61
N ALA A 23 -13.81 21.20 7.47
CA ALA A 23 -13.85 20.79 8.86
C ALA A 23 -14.26 19.32 8.98
N ALA A 24 -15.25 18.90 8.22
CA ALA A 24 -15.66 17.51 8.25
C ALA A 24 -14.57 16.57 7.62
N VAL A 25 -13.94 17.02 6.56
CA VAL A 25 -12.81 16.27 5.97
C VAL A 25 -11.73 16.10 7.04
N ASN A 26 -11.39 17.19 7.73
CA ASN A 26 -10.41 17.11 8.81
C ASN A 26 -10.82 16.12 9.91
N ALA A 27 -12.08 16.16 10.28
CA ALA A 27 -12.57 15.24 11.32
C ALA A 27 -12.57 13.78 10.90
N LEU A 28 -12.91 13.50 9.65
CA LEU A 28 -12.84 12.15 9.09
C LEU A 28 -11.42 11.64 9.01
N ILE A 29 -10.50 12.50 8.57
CA ILE A 29 -9.08 12.14 8.58
C ILE A 29 -8.64 11.77 10.02
N ARG A 30 -8.96 12.62 11.00
CA ARG A 30 -8.66 12.29 12.39
C ARG A 30 -9.26 10.95 12.84
N GLU A 31 -10.50 10.70 12.45
CA GLU A 31 -11.25 9.52 12.87
C GLU A 31 -10.58 8.22 12.30
N ARG A 32 -10.20 8.25 11.04
CA ARG A 32 -9.74 7.07 10.33
C ARG A 32 -8.25 6.86 10.48
N MET A 33 -7.50 7.93 10.78
CA MET A 33 -6.04 7.77 11.00
C MET A 33 -5.70 7.17 12.38
N SER A 34 -6.70 7.05 13.25
CA SER A 34 -6.52 6.62 14.60
C SER A 34 -6.01 5.18 14.67
N SER A 35 -5.30 4.88 15.72
CA SER A 35 -4.90 3.51 15.96
C SER A 35 -4.76 3.35 17.46
N GLU A 36 -5.57 2.47 18.03
CA GLU A 36 -5.55 2.24 19.47
C GLU A 36 -4.19 1.67 19.93
N HIS A 37 -3.60 0.81 19.12
CA HIS A 37 -2.43 0.03 19.55
C HIS A 37 -1.09 0.34 18.84
N ALA A 38 -1.12 1.22 17.84
CA ALA A 38 0.12 1.83 17.32
C ALA A 38 -0.03 3.38 17.21
N PRO A 39 0.23 4.12 18.29
CA PRO A 39 0.18 5.60 18.23
C PRO A 39 1.11 6.19 17.13
N ARG A 40 2.24 5.55 16.87
CA ARG A 40 3.14 6.00 15.79
C ARG A 40 2.38 6.44 14.53
N ILE A 41 1.30 5.71 14.21
CA ILE A 41 0.56 5.91 12.98
C ILE A 41 -0.08 7.32 12.89
N PRO A 42 -1.05 7.66 13.79
CA PRO A 42 -1.57 9.03 13.73
C PRO A 42 -0.52 10.10 14.03
N GLU A 43 0.42 9.79 14.91
CA GLU A 43 1.59 10.62 15.18
C GLU A 43 2.28 10.98 13.85
N VAL A 44 2.78 9.97 13.14
CA VAL A 44 3.41 10.17 11.82
C VAL A 44 2.49 10.91 10.84
N THR A 45 1.19 10.58 10.86
CA THR A 45 0.23 11.18 9.91
C THR A 45 -0.08 12.63 10.25
N ALA A 46 -0.16 12.92 11.54
CA ALA A 46 -0.43 14.27 12.05
C ALA A 46 0.54 15.31 11.47
N HIS A 47 1.82 15.11 11.73
CA HIS A 47 2.95 15.85 11.12
C HIS A 47 2.67 16.23 9.66
N LEU A 48 2.45 15.22 8.84
CA LEU A 48 2.52 15.33 7.38
C LEU A 48 1.39 16.20 6.82
N ILE A 49 0.19 16.07 7.42
CA ILE A 49 -0.97 16.88 7.04
C ILE A 49 -1.01 18.18 7.86
N GLU A 50 -0.26 18.22 8.97
CA GLU A 50 -0.17 19.40 9.84
C GLU A 50 0.87 20.41 9.36
N ALA A 51 1.76 19.97 8.47
CA ALA A 51 2.91 20.76 8.07
C ALA A 51 2.96 21.02 6.57
N GLY A 52 2.02 20.47 5.81
CA GLY A 52 2.09 20.49 4.36
C GLY A 52 0.77 20.72 3.62
N GLY A 53 0.85 21.54 2.57
CA GLY A 53 -0.17 21.55 1.55
C GLY A 53 -1.13 22.72 1.63
N LYS A 54 -1.47 23.22 0.45
CA LYS A 54 -2.65 24.03 0.27
C LYS A 54 -3.89 23.12 0.30
N ARG A 55 -3.68 21.80 0.36
CA ARG A 55 -4.78 20.83 0.38
C ARG A 55 -5.66 20.98 -0.84
N LEU A 56 -5.08 21.23 -2.01
CA LEU A 56 -5.86 21.40 -3.23
C LEU A 56 -6.63 20.12 -3.62
N ARG A 57 -6.01 18.97 -3.44
CA ARG A 57 -6.64 17.72 -3.92
C ARG A 57 -7.98 17.40 -3.26
N PRO A 58 -8.07 17.42 -1.92
CA PRO A 58 -9.41 17.19 -1.33
C PRO A 58 -10.36 18.34 -1.66
N MET A 59 -9.83 19.56 -1.77
CA MET A 59 -10.69 20.68 -2.09
C MET A 59 -11.29 20.54 -3.51
N LEU A 60 -10.54 20.00 -4.44
CA LEU A 60 -11.05 19.81 -5.79
C LEU A 60 -12.23 18.81 -5.83
N THR A 61 -12.15 17.75 -5.02
CA THR A 61 -13.27 16.80 -4.93
C THR A 61 -14.49 17.50 -4.37
N LEU A 62 -14.30 18.27 -3.31
CA LEU A 62 -15.42 18.96 -2.69
C LEU A 62 -16.01 19.96 -3.68
N ALA A 63 -15.16 20.75 -4.33
CA ALA A 63 -15.64 21.82 -5.21
C ALA A 63 -16.40 21.23 -6.41
N ALA A 64 -15.89 20.12 -6.92
CA ALA A 64 -16.51 19.47 -8.09
C ALA A 64 -17.91 18.98 -7.75
N ALA A 65 -18.07 18.33 -6.60
CA ALA A 65 -19.38 17.87 -6.18
C ALA A 65 -20.39 19.02 -5.96
N ARG A 66 -19.95 20.07 -5.28
CA ARG A 66 -20.80 21.23 -5.01
C ARG A 66 -21.14 21.99 -6.27
N LEU A 67 -20.18 22.05 -7.17
CA LEU A 67 -20.39 22.72 -8.44
C LEU A 67 -21.52 22.07 -9.28
N VAL A 68 -21.67 20.75 -9.22
CA VAL A 68 -22.75 20.05 -9.96
C VAL A 68 -24.02 19.89 -9.12
N GLY A 69 -24.09 20.63 -8.02
CA GLY A 69 -25.31 20.69 -7.22
C GLY A 69 -25.46 19.70 -6.09
N TYR A 70 -24.40 18.97 -5.74
CA TYR A 70 -24.52 17.96 -4.68
C TYR A 70 -24.40 18.66 -3.33
N GLY A 71 -25.29 18.37 -2.40
CA GLY A 71 -25.19 18.97 -1.04
C GLY A 71 -24.49 18.15 0.03
N GLY A 72 -23.97 16.97 -0.33
CA GLY A 72 -23.38 16.07 0.61
C GLY A 72 -24.22 14.89 0.88
N PRO A 73 -23.71 13.96 1.68
CA PRO A 73 -22.47 14.03 2.44
C PRO A 73 -21.19 13.38 1.85
N PHE A 74 -21.35 12.54 0.81
CA PHE A 74 -20.29 11.60 0.47
C PHE A 74 -19.11 12.17 -0.30
N HIS A 75 -19.22 13.40 -0.76
CA HIS A 75 -18.08 14.14 -1.31
C HIS A 75 -16.98 14.36 -0.22
N VAL A 76 -17.40 14.46 1.05
CA VAL A 76 -16.44 14.65 2.16
C VAL A 76 -15.66 13.36 2.33
N HIS A 77 -16.35 12.23 2.31
CA HIS A 77 -15.63 10.93 2.38
C HIS A 77 -14.64 10.78 1.26
N LEU A 78 -15.06 11.08 0.04
CA LEU A 78 -14.14 11.00 -1.09
C LEU A 78 -12.95 12.00 -1.05
N ALA A 79 -13.20 13.22 -0.61
CA ALA A 79 -12.14 14.19 -0.41
C ALA A 79 -11.11 13.69 0.64
N ALA A 80 -11.57 13.12 1.74
CA ALA A 80 -10.64 12.53 2.71
C ALA A 80 -9.87 11.35 2.11
N THR A 81 -10.55 10.52 1.34
CA THR A 81 -9.89 9.41 0.68
C THR A 81 -8.77 9.89 -0.23
N VAL A 82 -9.07 10.86 -1.06
CA VAL A 82 -8.08 11.48 -1.93
C VAL A 82 -6.85 12.00 -1.13
N GLU A 83 -7.09 12.74 -0.04
CA GLU A 83 -6.00 13.20 0.77
C GLU A 83 -5.18 12.04 1.40
N PHE A 84 -5.83 10.98 1.88
CA PHE A 84 -5.08 9.85 2.42
C PHE A 84 -4.18 9.24 1.33
N ILE A 85 -4.72 9.09 0.12
CA ILE A 85 -3.98 8.47 -0.99
C ILE A 85 -2.77 9.36 -1.32
N HIS A 86 -2.97 10.68 -1.32
CA HIS A 86 -1.88 11.59 -1.65
C HIS A 86 -0.80 11.44 -0.60
N THR A 87 -1.19 11.47 0.67
CA THR A 87 -0.28 11.36 1.81
C THR A 87 0.49 10.02 1.78
N ALA A 88 -0.22 8.92 1.52
CA ALA A 88 0.42 7.65 1.45
C ALA A 88 1.50 7.61 0.35
N THR A 89 1.17 8.15 -0.82
CA THR A 89 2.09 8.16 -1.94
C THR A 89 3.33 9.00 -1.63
N LEU A 90 3.15 10.10 -0.90
CA LEU A 90 4.30 10.92 -0.46
C LEU A 90 5.23 10.12 0.45
N LEU A 91 4.68 9.39 1.44
CA LEU A 91 5.46 8.60 2.36
C LEU A 91 6.27 7.55 1.62
N HIS A 92 5.63 6.88 0.67
CA HIS A 92 6.33 5.90 -0.14
C HIS A 92 7.38 6.46 -1.11
N ASP A 93 7.09 7.65 -1.67
CA ASP A 93 8.07 8.34 -2.54
C ASP A 93 9.39 8.68 -1.79
N ASP A 94 9.28 8.95 -0.50
CA ASP A 94 10.44 9.31 0.28
C ASP A 94 11.33 8.12 0.65
N VAL A 95 10.83 6.91 0.56
CA VAL A 95 11.67 5.78 0.84
C VAL A 95 12.55 5.56 -0.37
N ARG A 102 11.44 16.76 3.32
CA ARG A 102 10.20 17.16 2.66
C ARG A 102 9.64 18.51 3.16
N ARG A 103 9.34 19.39 2.21
CA ARG A 103 8.84 20.75 2.50
C ARG A 103 9.78 21.39 3.53
N GLY A 104 11.09 21.26 3.25
CA GLY A 104 12.15 21.71 4.15
C GLY A 104 12.02 21.23 5.60
N ARG A 105 11.64 19.98 5.81
CA ARG A 105 11.59 19.42 7.17
C ARG A 105 11.97 17.92 7.13
N PRO A 106 12.46 17.37 8.27
CA PRO A 106 12.81 15.93 8.33
C PRO A 106 11.67 15.01 7.88
N THR A 107 11.97 14.07 6.97
CA THR A 107 10.99 13.08 6.55
C THR A 107 10.72 12.04 7.66
N ALA A 108 9.59 11.33 7.54
CA ALA A 108 9.25 10.26 8.50
C ALA A 108 10.28 9.12 8.43
N ASN A 109 10.84 8.86 7.25
CA ASN A 109 11.77 7.75 7.08
C ASN A 109 13.09 8.02 7.80
N LEU A 110 13.45 9.30 7.92
CA LEU A 110 14.65 9.70 8.66
C LEU A 110 14.37 9.76 10.17
N LEU A 111 13.18 10.26 10.53
CA LEU A 111 12.83 10.48 11.96
C LEU A 111 12.56 9.14 12.69
N TRP A 112 11.86 8.24 11.98
CA TRP A 112 11.77 6.83 12.38
C TRP A 112 12.66 6.01 11.44
N ASP A 113 12.09 5.41 10.38
CA ASP A 113 12.86 4.64 9.41
C ASP A 113 12.07 4.40 8.10
N ASN A 114 12.72 3.90 7.04
CA ASN A 114 12.02 3.45 5.80
C ASN A 114 10.83 2.58 6.21
N LYS A 115 11.08 1.76 7.21
CA LYS A 115 10.09 0.92 7.87
C LYS A 115 8.79 1.68 8.17
N SER A 116 8.92 2.86 8.79
CA SER A 116 7.79 3.76 9.13
C SER A 116 7.15 4.45 7.95
N SER A 117 7.90 5.06 7.04
CA SER A 117 7.26 5.54 5.87
C SER A 117 6.40 4.40 5.27
N VAL A 118 6.97 3.20 5.12
CA VAL A 118 6.28 2.17 4.34
C VAL A 118 5.00 1.75 5.04
N LEU A 119 5.09 1.43 6.33
CA LEU A 119 3.95 0.87 7.04
C LEU A 119 2.86 1.87 7.34
N VAL A 120 3.21 3.11 7.67
CA VAL A 120 2.19 4.13 7.86
C VAL A 120 1.46 4.42 6.52
N GLY A 121 2.23 4.55 5.45
CA GLY A 121 1.64 4.70 4.12
C GLY A 121 0.64 3.59 3.83
N ASP A 122 1.03 2.34 4.16
CA ASP A 122 0.17 1.19 3.93
C ASP A 122 -1.11 1.31 4.75
N TYR A 123 -0.97 1.74 5.99
CA TYR A 123 -2.14 1.91 6.85
C TYR A 123 -3.09 2.94 6.26
N LEU A 124 -2.52 4.03 5.76
CA LEU A 124 -3.32 5.11 5.18
C LEU A 124 -4.03 4.70 3.89
N PHE A 125 -3.32 4.04 2.98
CA PHE A 125 -3.90 3.52 1.78
C PHE A 125 -5.11 2.61 2.17
N ALA A 126 -4.90 1.69 3.10
CA ALA A 126 -5.99 0.79 3.49
C ALA A 126 -7.18 1.52 4.12
N ARG A 127 -6.91 2.40 5.07
CA ARG A 127 -7.99 3.20 5.66
C ARG A 127 -8.74 4.04 4.62
N SER A 128 -8.03 4.52 3.59
CA SER A 128 -8.68 5.26 2.53
C SER A 128 -9.66 4.40 1.76
N PHE A 129 -9.30 3.16 1.49
CA PHE A 129 -10.16 2.27 0.74
C PHE A 129 -11.34 1.90 1.62
N GLN A 130 -11.11 1.70 2.92
CA GLN A 130 -12.17 1.33 3.82
C GLN A 130 -13.17 2.49 3.94
N LEU A 131 -12.65 3.71 3.95
CA LEU A 131 -13.49 4.94 4.06
C LEU A 131 -14.40 5.14 2.83
N MET A 132 -13.86 4.85 1.64
CA MET A 132 -14.52 5.01 0.31
C MET A 132 -15.78 4.13 0.31
N THR A 133 -15.72 2.95 0.93
CA THR A 133 -16.87 1.99 0.95
C THR A 133 -18.13 2.56 1.62
N ASP A 134 -17.95 3.55 2.50
CA ASP A 134 -19.10 4.20 3.15
C ASP A 134 -20.03 4.86 2.12
N THR A 135 -19.47 5.26 0.99
CA THR A 135 -20.21 5.95 -0.06
C THR A 135 -21.15 5.02 -0.79
N GLY A 136 -20.82 3.72 -0.76
CA GLY A 136 -21.52 2.72 -1.52
C GLY A 136 -21.43 2.81 -3.02
N ASN A 137 -20.55 3.66 -3.55
CA ASN A 137 -20.52 3.95 -4.97
C ASN A 137 -19.34 3.19 -5.56
N MET A 138 -19.64 2.10 -6.28
CA MET A 138 -18.59 1.26 -6.88
C MET A 138 -17.75 2.00 -7.88
N ARG A 139 -18.38 2.87 -8.64
CA ARG A 139 -17.71 3.53 -9.72
C ARG A 139 -16.59 4.48 -9.22
N VAL A 140 -16.84 5.27 -8.19
CA VAL A 140 -15.76 6.15 -7.65
C VAL A 140 -14.62 5.31 -7.03
N MET A 141 -14.95 4.17 -6.50
CA MET A 141 -13.96 3.33 -5.84
C MET A 141 -13.04 2.71 -6.89
N GLU A 142 -13.62 2.35 -8.04
CA GLU A 142 -12.84 1.81 -9.13
C GLU A 142 -11.88 2.87 -9.65
N ILE A 143 -12.36 4.09 -9.74
CA ILE A 143 -11.53 5.18 -10.22
C ILE A 143 -10.36 5.49 -9.29
N LEU A 144 -10.62 5.54 -7.98
CA LEU A 144 -9.58 5.89 -7.02
C LEU A 144 -8.57 4.79 -6.86
N ALA A 145 -9.02 3.51 -6.93
CA ALA A 145 -8.08 2.38 -6.92
C ALA A 145 -7.19 2.45 -8.15
N ASN A 146 -7.78 2.78 -9.29
CA ASN A 146 -7.02 2.91 -10.54
C ASN A 146 -6.02 4.04 -10.47
N ALA A 147 -6.42 5.18 -9.93
CA ALA A 147 -5.53 6.34 -9.74
C ALA A 147 -4.32 5.93 -8.87
N SER A 148 -4.57 5.21 -7.80
CA SER A 148 -3.45 4.75 -6.96
C SER A 148 -2.51 3.82 -7.73
N ALA A 149 -3.07 2.95 -8.59
CA ALA A 149 -2.30 2.02 -9.34
C ALA A 149 -1.44 2.80 -10.33
N VAL A 150 -2.06 3.82 -10.92
CA VAL A 150 -1.40 4.60 -11.93
C VAL A 150 -0.27 5.41 -11.34
N ILE A 151 -0.43 5.89 -10.12
CA ILE A 151 0.65 6.63 -9.48
C ILE A 151 1.89 5.76 -9.30
N ALA A 152 1.71 4.59 -8.67
CA ALA A 152 2.76 3.57 -8.52
C ALA A 152 3.45 3.15 -9.84
N GLU A 153 2.65 2.91 -10.88
CA GLU A 153 3.15 2.59 -12.19
C GLU A 153 4.00 3.74 -12.81
N GLY A 154 3.48 4.97 -12.72
CA GLY A 154 4.15 6.20 -13.18
C GLY A 154 5.50 6.44 -12.50
N GLU A 155 5.55 6.18 -11.20
CA GLU A 155 6.82 6.23 -10.44
C GLU A 155 7.80 5.12 -10.81
N VAL A 156 7.30 3.90 -11.01
CA VAL A 156 8.15 2.87 -11.60
C VAL A 156 8.67 3.24 -13.02
N LEU A 157 7.83 3.81 -13.88
CA LEU A 157 8.26 4.26 -15.22
C LEU A 157 9.29 5.42 -15.15
N GLN A 158 9.10 6.33 -14.20
CA GLN A 158 10.09 7.40 -13.93
C GLN A 158 11.44 6.83 -13.55
N LEU A 159 11.44 5.81 -12.67
CA LEU A 159 12.67 5.04 -12.39
C LEU A 159 13.27 4.45 -13.65
N THR A 160 12.45 3.78 -14.45
CA THR A 160 12.88 3.14 -15.71
C THR A 160 13.55 4.13 -16.66
N ALA A 161 12.84 5.21 -16.95
CA ALA A 161 13.21 6.17 -17.98
C ALA A 161 14.18 7.25 -17.49
N ALA A 162 14.60 7.18 -16.22
CA ALA A 162 15.52 8.16 -15.61
C ALA A 162 16.81 8.26 -16.37
N GLN A 163 17.29 9.50 -16.53
CA GLN A 163 18.56 9.76 -17.22
C GLN A 163 18.67 9.03 -18.55
N ASN A 164 17.53 8.78 -19.22
CA ASN A 164 17.52 8.11 -20.52
C ASN A 164 17.17 9.11 -21.62
N LEU A 165 18.11 9.32 -22.54
CA LEU A 165 17.93 10.27 -23.63
C LEU A 165 16.89 9.87 -24.70
N ALA A 166 16.50 8.60 -24.74
CA ALA A 166 15.46 8.14 -25.67
C ALA A 166 14.06 8.52 -25.21
N THR A 167 13.94 9.16 -24.06
CA THR A 167 12.66 9.54 -23.49
C THR A 167 12.04 10.68 -24.28
N THR A 168 10.85 10.43 -24.81
CA THR A 168 10.10 11.40 -25.60
C THR A 168 9.24 12.33 -24.73
N GLU A 169 8.67 13.36 -25.36
CA GLU A 169 7.63 14.16 -24.74
C GLU A 169 6.44 13.29 -24.30
N ASP A 170 6.04 12.35 -25.14
CA ASP A 170 4.89 11.51 -24.86
C ASP A 170 5.10 10.73 -23.60
N ILE A 171 6.31 10.18 -23.45
CA ILE A 171 6.70 9.43 -22.25
C ILE A 171 6.74 10.32 -21.02
N TYR A 172 7.28 11.52 -21.17
CA TYR A 172 7.30 12.48 -20.10
C TYR A 172 5.85 12.81 -19.68
N LEU A 173 4.94 12.98 -20.65
CA LEU A 173 3.54 13.26 -20.33
C LEU A 173 2.91 12.12 -19.53
N ARG A 174 3.23 10.89 -19.93
CA ARG A 174 2.76 9.70 -19.21
C ARG A 174 3.32 9.63 -17.81
N VAL A 175 4.61 9.93 -17.67
CA VAL A 175 5.21 10.03 -16.35
C VAL A 175 4.52 11.10 -15.51
N ILE A 176 4.31 12.29 -16.05
CA ILE A 176 3.74 13.33 -15.22
C ILE A 176 2.24 13.07 -14.92
N ARG A 177 1.53 12.44 -15.85
CA ARG A 177 0.15 12.09 -15.56
C ARG A 177 0.15 11.09 -14.45
N GLY A 178 0.97 10.06 -14.64
CA GLY A 178 1.22 9.07 -13.61
C GLY A 178 1.31 9.66 -12.24
N LYS A 179 2.38 10.41 -12.00
CA LYS A 179 2.76 10.80 -10.65
C LYS A 179 2.08 12.06 -10.11
N THR A 180 1.43 12.82 -10.99
CA THR A 180 0.81 14.06 -10.59
C THR A 180 -0.64 14.24 -11.10
N ALA A 181 -0.83 14.07 -12.41
CA ALA A 181 -2.12 14.43 -13.01
C ALA A 181 -3.25 13.45 -12.66
N ALA A 182 -2.93 12.15 -12.54
CA ALA A 182 -3.97 11.14 -12.36
C ALA A 182 -4.76 11.35 -11.07
N LEU A 183 -4.11 11.86 -10.03
CA LEU A 183 -4.83 12.02 -8.76
C LEU A 183 -5.70 13.27 -8.78
N PHE A 184 -5.24 14.32 -9.47
CA PHE A 184 -6.06 15.51 -9.69
C PHE A 184 -7.29 15.23 -10.53
N SER A 185 -7.13 14.48 -11.62
CA SER A 185 -8.23 14.13 -12.52
C SER A 185 -9.19 13.18 -11.83
N ALA A 186 -8.68 12.23 -11.06
CA ALA A 186 -9.54 11.39 -10.21
C ALA A 186 -10.32 12.16 -9.18
N ALA A 187 -9.68 13.14 -8.54
CA ALA A 187 -10.28 13.89 -7.46
C ALA A 187 -11.47 14.64 -8.02
N THR A 188 -11.28 15.30 -9.17
CA THR A 188 -12.37 16.06 -9.75
C THR A 188 -13.48 15.17 -10.32
N GLU A 189 -13.09 14.11 -11.02
CA GLU A 189 -14.04 13.15 -11.60
C GLU A 189 -14.92 12.50 -10.56
N VAL A 190 -14.36 12.10 -9.44
CA VAL A 190 -15.23 11.42 -8.45
C VAL A 190 -16.19 12.41 -7.74
N GLY A 191 -15.81 13.67 -7.68
CA GLY A 191 -16.75 14.69 -7.23
C GLY A 191 -17.96 14.83 -8.14
N GLY A 192 -17.75 14.86 -9.45
CA GLY A 192 -18.86 14.94 -10.38
C GLY A 192 -19.76 13.70 -10.28
N ILE A 193 -19.12 12.53 -10.21
CA ILE A 193 -19.84 11.25 -10.14
C ILE A 193 -20.67 11.13 -8.88
N ILE A 194 -20.07 11.41 -7.72
CA ILE A 194 -20.82 11.33 -6.45
C ILE A 194 -21.99 12.33 -6.47
N GLY A 195 -21.84 13.44 -7.19
CA GLY A 195 -22.88 14.45 -7.32
C GLY A 195 -23.92 14.16 -8.37
N GLY A 196 -23.78 13.03 -9.06
CA GLY A 196 -24.73 12.61 -10.08
C GLY A 196 -24.73 13.44 -11.35
N ALA A 197 -23.60 14.07 -11.67
CA ALA A 197 -23.53 14.96 -12.85
C ALA A 197 -23.72 14.18 -14.15
N PRO A 198 -24.23 14.80 -15.19
CA PRO A 198 -24.28 14.16 -16.50
C PRO A 198 -22.89 13.89 -17.00
N GLU A 199 -22.78 12.89 -17.87
CA GLU A 199 -21.48 12.37 -18.23
C GLU A 199 -20.59 13.36 -18.96
N ASP A 200 -21.21 14.31 -19.70
CA ASP A 200 -20.40 15.36 -20.34
C ASP A 200 -19.67 16.18 -19.28
N GLN A 201 -20.31 16.36 -18.13
CA GLN A 201 -19.73 17.17 -17.08
C GLN A 201 -18.75 16.37 -16.26
N VAL A 202 -18.98 15.07 -16.13
CA VAL A 202 -18.03 14.19 -15.43
C VAL A 202 -16.72 14.23 -16.25
N GLN A 203 -16.84 14.12 -17.57
CA GLN A 203 -15.69 14.10 -18.45
C GLN A 203 -14.96 15.42 -18.38
N ALA A 204 -15.70 16.54 -18.37
CA ALA A 204 -15.11 17.85 -18.28
C ALA A 204 -14.30 18.04 -16.99
N LEU A 205 -14.85 17.59 -15.87
CA LEU A 205 -14.18 17.65 -14.57
C LEU A 205 -12.89 16.84 -14.60
N PHE A 206 -12.94 15.67 -15.22
CA PHE A 206 -11.74 14.85 -15.37
C PHE A 206 -10.71 15.62 -16.21
N ASP A 207 -11.12 16.13 -17.36
CA ASP A 207 -10.27 16.97 -18.21
C ASP A 207 -9.67 18.18 -17.50
N TYR A 208 -10.46 18.87 -16.69
CA TYR A 208 -9.97 19.98 -15.89
C TYR A 208 -8.86 19.58 -14.93
N GLY A 209 -9.09 18.54 -14.13
CA GLY A 209 -8.08 18.11 -13.18
C GLY A 209 -6.84 17.57 -13.86
N ASP A 210 -7.02 16.79 -14.91
CA ASP A 210 -5.92 16.27 -15.67
C ASP A 210 -5.00 17.42 -16.18
N ALA A 211 -5.64 18.43 -16.79
CA ALA A 211 -4.96 19.59 -17.36
C ALA A 211 -4.32 20.44 -16.29
N LEU A 212 -5.01 20.65 -15.19
CA LEU A 212 -4.44 21.41 -14.10
C LEU A 212 -3.18 20.72 -13.55
N GLY A 213 -3.23 19.39 -13.35
CA GLY A 213 -2.10 18.61 -12.82
C GLY A 213 -0.86 18.66 -13.71
N ILE A 214 -1.08 18.49 -14.99
CA ILE A 214 -0.02 18.69 -16.00
C ILE A 214 0.53 20.10 -15.95
N ALA A 215 -0.32 21.12 -15.93
CA ALA A 215 0.21 22.50 -15.86
C ALA A 215 1.08 22.72 -14.61
N PHE A 216 0.59 22.33 -13.45
CA PHE A 216 1.39 22.46 -12.21
C PHE A 216 2.77 21.88 -12.36
N GLN A 217 2.86 20.68 -12.94
CA GLN A 217 4.13 20.00 -13.01
C GLN A 217 5.05 20.69 -14.02
N ILE A 218 4.49 21.07 -15.17
CA ILE A 218 5.28 21.75 -16.18
C ILE A 218 5.77 23.07 -15.58
N VAL A 219 4.92 23.80 -14.86
CA VAL A 219 5.36 25.06 -14.27
C VAL A 219 6.50 24.84 -13.28
N ASP A 220 6.39 23.83 -12.42
CA ASP A 220 7.53 23.48 -11.54
C ASP A 220 8.80 23.24 -12.34
N ASP A 221 8.71 22.43 -13.40
CA ASP A 221 9.91 22.07 -14.20
C ASP A 221 10.51 23.30 -14.91
N LEU A 222 9.67 24.17 -15.47
CA LEU A 222 10.15 25.47 -16.02
C LEU A 222 10.82 26.38 -14.95
N LEU A 223 10.19 26.54 -13.78
CA LEU A 223 10.74 27.44 -12.75
C LEU A 223 12.08 26.95 -12.16
N ASP A 224 12.34 25.65 -12.24
CA ASP A 224 13.59 25.09 -11.74
C ASP A 224 14.80 25.77 -12.39
N TYR A 225 14.69 26.06 -13.67
CA TYR A 225 15.76 26.69 -14.44
C TYR A 225 15.67 28.21 -14.42
N THR A 236 17.80 26.91 -7.04
CA THR A 236 17.43 26.60 -8.43
C THR A 236 18.52 25.79 -9.15
N GLY A 237 18.12 25.00 -10.15
CA GLY A 237 19.03 24.08 -10.82
C GLY A 237 19.05 22.68 -10.20
N ASP A 238 18.16 22.43 -9.25
CA ASP A 238 18.12 21.12 -8.58
C ASP A 238 17.77 19.93 -9.54
N ASP A 239 16.81 20.12 -10.44
CA ASP A 239 16.45 19.09 -11.44
C ASP A 239 17.66 18.71 -12.33
N PHE A 240 18.36 19.75 -12.83
CA PHE A 240 19.61 19.57 -13.57
C PHE A 240 20.60 18.68 -12.79
N ARG A 241 20.91 19.07 -11.55
CA ARG A 241 21.89 18.32 -10.71
C ARG A 241 21.50 16.85 -10.49
N GLU A 242 20.20 16.66 -10.27
CA GLU A 242 19.60 15.34 -10.18
C GLU A 242 19.60 14.61 -11.53
N ARG A 243 20.03 15.29 -12.60
CA ARG A 243 19.96 14.74 -13.96
C ARG A 243 18.52 14.26 -14.31
N LYS A 244 17.56 15.15 -14.11
CA LYS A 244 16.15 14.94 -14.49
C LYS A 244 15.81 15.34 -15.93
N LEU A 245 15.25 14.42 -16.70
CA LEU A 245 14.74 14.72 -18.06
C LEU A 245 13.39 15.45 -18.07
N THR A 246 13.35 16.71 -17.65
CA THR A 246 12.12 17.47 -17.66
C THR A 246 11.90 18.14 -19.02
N MET A 247 10.73 18.75 -19.23
CA MET A 247 10.32 19.02 -20.60
C MET A 247 11.32 19.88 -21.37
N PRO A 248 11.78 21.01 -20.78
CA PRO A 248 12.65 21.93 -21.54
C PRO A 248 13.95 21.28 -21.94
N VAL A 249 14.35 20.27 -21.17
CA VAL A 249 15.55 19.47 -21.49
C VAL A 249 15.25 18.56 -22.68
N ILE A 250 14.14 17.86 -22.58
CA ILE A 250 13.67 16.94 -23.65
C ILE A 250 13.53 17.63 -25.00
N LYS A 251 12.99 18.85 -25.02
CA LYS A 251 12.85 19.61 -26.26
C LYS A 251 14.21 20.00 -26.80
N ALA A 252 15.12 20.42 -25.91
CA ALA A 252 16.46 20.82 -26.31
C ALA A 252 17.29 19.64 -26.87
N VAL A 253 17.10 18.44 -26.34
CA VAL A 253 17.84 17.26 -26.83
C VAL A 253 17.47 16.88 -28.28
N ALA A 254 16.17 16.77 -28.55
CA ALA A 254 15.63 16.46 -29.89
C ALA A 254 16.21 17.35 -31.02
N LEU A 255 16.55 18.58 -30.66
CA LEU A 255 17.05 19.62 -31.58
C LEU A 255 18.58 19.69 -31.54
N ALA A 256 19.19 18.88 -30.68
CA ALA A 256 20.64 18.89 -30.53
C ALA A 256 21.34 18.51 -31.82
N ASP A 257 22.49 19.14 -32.05
CA ASP A 257 23.40 18.81 -33.13
C ASP A 257 24.46 17.80 -32.63
N GLU A 258 25.57 17.67 -33.36
CA GLU A 258 26.66 16.77 -32.97
C GLU A 258 27.24 17.09 -31.58
N ALA A 259 27.70 18.33 -31.40
CA ALA A 259 28.29 18.78 -30.11
C ALA A 259 27.25 18.82 -28.98
N GLU A 260 26.06 19.34 -29.28
CA GLU A 260 25.03 19.44 -28.26
C GLU A 260 24.58 18.06 -27.82
N ARG A 261 24.66 17.07 -28.70
CA ARG A 261 24.27 15.70 -28.32
C ARG A 261 25.25 15.17 -27.27
N ALA A 262 26.53 15.45 -27.47
CA ALA A 262 27.58 15.07 -26.51
C ALA A 262 27.45 15.78 -25.14
N PHE A 263 27.04 17.05 -25.13
CA PHE A 263 26.87 17.81 -23.88
C PHE A 263 25.77 17.25 -23.03
N TRP A 264 24.62 16.92 -23.66
CA TRP A 264 23.52 16.23 -22.97
C TRP A 264 23.92 14.84 -22.53
N LYS A 265 24.56 14.07 -23.42
CA LYS A 265 25.03 12.73 -23.07
C LYS A 265 25.91 12.79 -21.81
N ARG A 266 26.89 13.68 -21.80
CA ARG A 266 27.78 13.79 -20.63
C ARG A 266 26.99 14.13 -19.34
N VAL A 267 26.36 15.32 -19.30
CA VAL A 267 25.74 15.82 -18.05
C VAL A 267 24.46 15.11 -17.62
N ILE A 268 23.71 14.51 -18.53
CA ILE A 268 22.48 13.80 -18.15
C ILE A 268 22.72 12.29 -18.04
N GLU A 269 23.09 11.65 -19.14
CA GLU A 269 23.22 10.20 -19.14
C GLU A 269 24.43 9.68 -18.35
N LYS A 270 25.43 10.53 -18.10
CA LYS A 270 26.67 10.12 -17.41
C LYS A 270 26.94 10.87 -16.09
N GLY A 271 26.20 11.93 -15.83
CA GLY A 271 26.31 12.68 -14.58
C GLY A 271 27.56 13.47 -14.30
N ASP A 272 28.53 13.50 -15.22
CA ASP A 272 29.74 14.28 -15.05
C ASP A 272 29.48 15.80 -15.20
N GLN A 273 29.19 16.47 -14.08
CA GLN A 273 28.86 17.90 -14.08
C GLN A 273 29.97 18.76 -13.50
N GLN A 274 30.24 19.88 -14.16
CA GLN A 274 31.26 20.85 -13.76
C GLN A 274 30.70 22.29 -13.81
N ASP A 275 31.43 23.25 -13.26
CA ASP A 275 31.00 24.66 -13.27
C ASP A 275 30.81 25.18 -14.70
N GLY A 276 29.71 25.90 -14.92
CA GLY A 276 29.34 26.39 -16.24
C GLY A 276 28.27 25.53 -16.91
N ASP A 277 28.12 24.27 -16.47
CA ASP A 277 27.27 23.34 -17.21
C ASP A 277 25.81 23.76 -17.11
N LEU A 278 25.37 24.05 -15.91
CA LEU A 278 24.03 24.50 -15.71
C LEU A 278 23.75 25.70 -16.60
N GLU A 279 24.63 26.68 -16.57
CA GLU A 279 24.43 27.87 -17.38
C GLU A 279 24.44 27.49 -18.88
N HIS A 280 25.31 26.54 -19.29
CA HIS A 280 25.34 26.10 -20.69
C HIS A 280 24.02 25.44 -21.11
N ALA A 281 23.53 24.53 -20.26
CA ALA A 281 22.21 23.93 -20.46
C ALA A 281 21.14 25.00 -20.64
N MET A 282 21.13 25.98 -19.74
CA MET A 282 20.15 27.08 -19.87
C MET A 282 20.40 27.87 -21.20
N ALA A 283 21.67 28.03 -21.54
CA ALA A 283 22.10 28.71 -22.80
C ALA A 283 21.67 27.98 -24.10
N LEU A 284 21.70 26.64 -24.04
CA LEU A 284 21.21 25.82 -25.13
C LEU A 284 19.70 25.82 -25.20
N MET A 285 18.99 25.82 -24.06
CA MET A 285 17.56 25.81 -24.07
C MET A 285 17.04 27.13 -24.64
N THR A 286 17.66 28.22 -24.22
CA THR A 286 17.34 29.55 -24.73
C THR A 286 17.63 29.61 -26.24
N LYS A 287 18.76 29.05 -26.67
CA LYS A 287 19.19 29.05 -28.10
C LYS A 287 18.11 28.38 -28.94
N HIS A 288 17.64 27.22 -28.43
CA HIS A 288 16.58 26.42 -29.09
C HIS A 288 15.14 26.78 -28.73
N GLY A 289 14.94 27.83 -27.91
CA GLY A 289 13.61 28.33 -27.58
C GLY A 289 12.77 27.43 -26.72
N THR A 290 13.41 26.49 -26.03
CA THR A 290 12.66 25.44 -25.36
C THR A 290 12.18 25.80 -23.93
N LEU A 291 12.70 26.87 -23.35
CA LEU A 291 12.17 27.39 -22.07
C LEU A 291 10.86 28.12 -22.34
N GLU A 292 10.84 28.97 -23.37
CA GLU A 292 9.60 29.63 -23.79
C GLU A 292 8.58 28.60 -24.29
N ALA A 293 9.06 27.57 -25.00
CA ALA A 293 8.19 26.51 -25.52
C ALA A 293 7.50 25.80 -24.34
N THR A 294 8.28 25.44 -23.34
CA THR A 294 7.73 24.85 -22.10
C THR A 294 6.75 25.77 -21.41
N ARG A 295 7.06 27.05 -21.35
CA ARG A 295 6.19 28.01 -20.67
C ARG A 295 4.86 28.10 -21.39
N LEU A 296 4.88 28.19 -22.72
CA LEU A 296 3.62 28.27 -23.45
C LEU A 296 2.81 26.95 -23.42
N ALA A 297 3.49 25.82 -23.34
CA ALA A 297 2.80 24.55 -23.17
C ALA A 297 2.03 24.56 -21.83
N ALA A 298 2.66 25.07 -20.77
CA ALA A 298 2.03 25.17 -19.45
C ALA A 298 0.78 26.07 -19.50
N ILE A 299 0.93 27.25 -20.09
CA ILE A 299 -0.21 28.13 -20.32
C ILE A 299 -1.25 27.38 -21.09
N GLY A 300 -0.82 26.72 -22.16
CA GLY A 300 -1.71 25.88 -22.97
C GLY A 300 -2.56 24.92 -22.18
N TRP A 301 -1.92 24.19 -21.27
CA TRP A 301 -2.67 23.28 -20.42
C TRP A 301 -3.64 23.99 -19.49
N THR A 302 -3.31 25.18 -19.00
CA THR A 302 -4.28 25.94 -18.20
C THR A 302 -5.47 26.35 -19.10
N ASP A 303 -5.21 26.77 -20.34
CA ASP A 303 -6.30 27.05 -21.31
C ASP A 303 -7.21 25.84 -21.52
N THR A 304 -6.61 24.65 -21.65
CA THR A 304 -7.39 23.42 -21.86
C THR A 304 -8.26 23.11 -20.62
N ALA A 305 -7.69 23.29 -19.44
CA ALA A 305 -8.45 23.16 -18.18
C ALA A 305 -9.65 24.14 -18.13
N ARG A 306 -9.39 25.39 -18.48
CA ARG A 306 -10.43 26.42 -18.40
C ARG A 306 -11.54 26.16 -19.42
N LYS A 307 -11.16 25.66 -20.59
CA LYS A 307 -12.08 25.30 -21.64
C LYS A 307 -13.05 24.21 -21.17
N ALA A 308 -12.53 23.17 -20.50
CA ALA A 308 -13.38 22.11 -19.93
C ALA A 308 -14.42 22.67 -18.96
N LEU A 309 -14.05 23.66 -18.17
CA LEU A 309 -14.98 24.29 -17.21
C LEU A 309 -16.19 24.91 -17.89
N ALA A 310 -16.10 25.32 -19.14
CA ALA A 310 -17.25 25.98 -19.80
C ALA A 310 -18.46 25.01 -19.96
N LYS A 311 -18.20 23.71 -19.82
CA LYS A 311 -19.27 22.73 -19.77
C LYS A 311 -19.98 22.60 -18.43
N LEU A 312 -19.46 23.24 -17.37
CA LEU A 312 -19.97 23.04 -16.03
C LEU A 312 -21.01 24.12 -15.67
N PRO A 313 -21.84 23.88 -14.65
CA PRO A 313 -22.80 24.93 -14.34
C PRO A 313 -22.14 26.27 -13.95
N ASP A 314 -22.81 27.36 -14.27
CA ASP A 314 -22.38 28.69 -13.83
C ASP A 314 -22.65 28.77 -12.34
N HIS A 315 -21.61 28.51 -11.54
CA HIS A 315 -21.69 28.51 -10.07
C HIS A 315 -20.46 29.29 -9.62
N PRO A 316 -20.54 29.96 -8.45
CA PRO A 316 -19.33 30.68 -8.00
C PRO A 316 -18.07 29.77 -7.93
N LEU A 317 -18.24 28.48 -7.68
CA LEU A 317 -17.07 27.56 -7.60
C LEU A 317 -16.40 27.43 -8.97
N ARG A 318 -17.21 27.50 -10.02
CA ARG A 318 -16.67 27.45 -11.35
C ARG A 318 -15.71 28.59 -11.58
N GLN A 319 -16.10 29.82 -11.21
CA GLN A 319 -15.16 30.92 -11.30
C GLN A 319 -13.91 30.65 -10.46
N MET A 320 -14.06 30.13 -9.24
CA MET A 320 -12.87 29.89 -8.40
C MET A 320 -11.93 28.88 -9.08
N LEU A 321 -12.49 27.83 -9.72
CA LEU A 321 -11.64 26.86 -10.47
C LEU A 321 -10.98 27.48 -11.72
N ASP A 322 -11.69 28.43 -12.35
CA ASP A 322 -11.15 29.14 -13.49
C ASP A 322 -9.95 29.93 -13.00
N ASP A 323 -10.13 30.63 -11.89
CA ASP A 323 -9.07 31.45 -11.30
C ASP A 323 -7.88 30.57 -10.88
N LEU A 324 -8.16 29.44 -10.22
CA LEU A 324 -7.10 28.52 -9.84
C LEU A 324 -6.22 28.07 -11.01
N ALA A 325 -6.85 27.75 -12.15
CA ALA A 325 -6.10 27.40 -13.36
C ALA A 325 -5.22 28.56 -13.88
N ASP A 326 -5.75 29.77 -13.90
CA ASP A 326 -4.96 30.94 -14.24
C ASP A 326 -3.78 31.08 -13.26
N TYR A 327 -4.07 30.85 -12.00
CA TYR A 327 -3.10 31.06 -10.92
C TYR A 327 -1.88 30.17 -11.09
N VAL A 328 -2.08 28.96 -11.62
CA VAL A 328 -0.99 28.01 -11.90
C VAL A 328 0.13 28.66 -12.70
N VAL A 329 -0.22 29.54 -13.63
CA VAL A 329 0.79 30.20 -14.46
C VAL A 329 1.01 31.69 -14.14
N GLU A 330 0.56 32.13 -12.96
CA GLU A 330 0.67 33.54 -12.51
C GLU A 330 2.12 34.04 -12.49
N ARG A 331 3.04 33.17 -12.07
CA ARG A 331 4.46 33.48 -12.01
C ARG A 331 5.17 33.58 -13.37
N VAL A 332 4.50 33.13 -14.44
CA VAL A 332 5.13 32.97 -15.74
C VAL A 332 4.31 33.59 -16.89
N ARG A 333 3.40 34.50 -16.54
CA ARG A 333 2.57 35.30 -17.46
C ARG A 333 3.17 36.71 -17.67
N PRO B 10 -3.05 -32.92 3.36
CA PRO B 10 -4.26 -32.09 3.51
C PRO B 10 -4.29 -30.87 2.59
N HIS B 11 -3.19 -30.13 2.56
CA HIS B 11 -3.01 -29.06 1.61
C HIS B 11 -3.32 -29.49 0.15
N ASP B 12 -2.81 -30.65 -0.25
CA ASP B 12 -2.99 -31.19 -1.62
C ASP B 12 -4.41 -31.75 -1.96
N ARG B 13 -5.10 -32.38 -1.00
CA ARG B 13 -6.52 -32.82 -1.19
C ARG B 13 -7.44 -31.62 -1.39
N LEU B 14 -7.25 -30.65 -0.53
CA LEU B 14 -7.99 -29.43 -0.60
C LEU B 14 -7.64 -28.79 -1.92
N ALA B 15 -6.36 -28.77 -2.25
CA ALA B 15 -5.89 -28.15 -3.52
C ALA B 15 -6.50 -28.81 -4.74
N GLN B 16 -6.64 -30.13 -4.70
CA GLN B 16 -7.21 -30.85 -5.84
C GLN B 16 -8.73 -30.62 -5.96
N ALA B 17 -9.42 -30.46 -4.81
CA ALA B 17 -10.85 -30.18 -4.80
C ALA B 17 -11.11 -28.77 -5.29
N LEU B 18 -10.17 -27.86 -5.06
CA LEU B 18 -10.34 -26.47 -5.50
C LEU B 18 -9.57 -26.16 -6.81
N ALA B 19 -9.08 -27.19 -7.48
CA ALA B 19 -8.17 -27.07 -8.64
C ALA B 19 -8.70 -26.12 -9.68
N GLU B 20 -9.96 -26.31 -10.02
CA GLU B 20 -10.55 -25.50 -11.06
C GLU B 20 -10.67 -24.04 -10.67
N ASP B 21 -11.11 -23.78 -9.43
CA ASP B 21 -11.23 -22.41 -8.95
C ASP B 21 -9.84 -21.75 -8.83
N MET B 22 -8.86 -22.53 -8.42
CA MET B 22 -7.52 -21.98 -8.15
C MET B 22 -6.87 -21.63 -9.51
N ALA B 23 -7.24 -22.38 -10.57
CA ALA B 23 -6.84 -22.05 -11.94
C ALA B 23 -7.42 -20.69 -12.32
N ALA B 24 -8.69 -20.47 -12.01
CA ALA B 24 -9.32 -19.21 -12.31
C ALA B 24 -8.68 -18.08 -11.46
N VAL B 25 -8.27 -18.38 -10.24
CA VAL B 25 -7.57 -17.40 -9.41
C VAL B 25 -6.23 -17.01 -10.06
N ASN B 26 -5.42 -18.02 -10.33
CA ASN B 26 -4.14 -17.88 -11.03
C ASN B 26 -4.30 -16.96 -12.28
N ALA B 27 -5.34 -17.22 -13.08
CA ALA B 27 -5.63 -16.43 -14.28
C ALA B 27 -5.91 -14.92 -14.05
N LEU B 28 -6.72 -14.63 -13.06
CA LEU B 28 -7.10 -13.27 -12.73
C LEU B 28 -5.89 -12.51 -12.20
N ILE B 29 -5.06 -13.19 -11.42
CA ILE B 29 -3.80 -12.64 -10.88
C ILE B 29 -2.85 -12.20 -12.01
N ARG B 30 -2.65 -13.10 -12.96
CA ARG B 30 -1.77 -12.81 -14.08
C ARG B 30 -2.36 -11.63 -14.87
N GLU B 31 -3.67 -11.60 -15.02
CA GLU B 31 -4.33 -10.53 -15.75
C GLU B 31 -4.19 -9.17 -15.03
N ARG B 32 -4.42 -9.14 -13.71
CA ARG B 32 -4.43 -7.86 -13.02
C ARG B 32 -3.06 -7.34 -12.55
N MET B 33 -2.03 -8.20 -12.51
CA MET B 33 -0.68 -7.76 -12.10
C MET B 33 0.05 -7.13 -13.29
N SER B 34 -0.60 -7.14 -14.45
CA SER B 34 0.03 -6.67 -15.67
C SER B 34 0.10 -5.14 -15.69
N SER B 35 1.09 -4.62 -16.42
CA SER B 35 1.26 -3.18 -16.52
C SER B 35 1.66 -2.89 -17.94
N GLU B 36 0.94 -1.98 -18.58
CA GLU B 36 1.18 -1.63 -19.98
C GLU B 36 2.39 -0.69 -20.11
N HIS B 37 2.73 0.01 -19.02
CA HIS B 37 3.73 1.09 -19.07
C HIS B 37 5.01 0.81 -18.27
N ALA B 38 4.97 -0.22 -17.42
CA ALA B 38 6.05 -0.50 -16.47
C ALA B 38 6.27 -2.01 -16.33
N PRO B 39 6.99 -2.63 -17.29
CA PRO B 39 7.19 -4.10 -17.33
C PRO B 39 7.79 -4.71 -16.06
N ARG B 40 8.63 -3.94 -15.37
CA ARG B 40 9.18 -4.35 -14.07
C ARG B 40 8.10 -4.89 -13.13
N ILE B 41 6.91 -4.32 -13.20
CA ILE B 41 5.86 -4.68 -12.22
C ILE B 41 5.52 -6.19 -12.20
N PRO B 42 5.03 -6.74 -13.33
CA PRO B 42 4.78 -8.18 -13.39
C PRO B 42 6.08 -9.03 -13.27
N GLU B 43 7.20 -8.54 -13.83
CA GLU B 43 8.50 -9.20 -13.59
C GLU B 43 8.72 -9.40 -12.10
N VAL B 44 8.61 -8.32 -11.33
CA VAL B 44 8.76 -8.41 -9.86
C VAL B 44 7.69 -9.31 -9.20
N THR B 45 6.43 -9.16 -9.63
CA THR B 45 5.32 -9.97 -9.08
C THR B 45 5.49 -11.46 -9.41
N ALA B 46 5.81 -11.74 -10.68
CA ALA B 46 6.15 -13.09 -11.12
C ALA B 46 7.12 -13.69 -10.13
N HIS B 47 8.20 -12.95 -9.89
CA HIS B 47 9.35 -13.43 -9.09
C HIS B 47 9.00 -13.78 -7.64
N LEU B 48 7.94 -13.20 -7.08
CA LEU B 48 7.52 -13.57 -5.73
C LEU B 48 6.57 -14.78 -5.71
N ILE B 49 5.69 -14.87 -6.71
CA ILE B 49 4.65 -15.89 -6.74
C ILE B 49 5.20 -17.23 -7.24
N GLU B 50 6.04 -17.19 -8.27
CA GLU B 50 6.71 -18.39 -8.78
C GLU B 50 7.83 -18.90 -7.84
N ALA B 51 7.99 -18.27 -6.67
CA ALA B 51 8.93 -18.72 -5.64
C ALA B 51 8.24 -19.52 -4.53
N GLY B 52 7.39 -20.48 -4.92
CA GLY B 52 6.70 -21.33 -3.96
C GLY B 52 5.67 -20.59 -3.12
N GLY B 53 5.29 -21.20 -2.00
CA GLY B 53 4.15 -20.72 -1.18
C GLY B 53 2.98 -21.69 -1.28
N LYS B 54 2.39 -22.07 -0.14
CA LYS B 54 1.34 -23.09 -0.10
C LYS B 54 -0.04 -22.54 -0.54
N ARG B 55 -0.13 -21.23 -0.68
CA ARG B 55 -1.36 -20.55 -1.12
C ARG B 55 -2.56 -20.92 -0.26
N LEU B 56 -2.35 -21.03 1.05
CA LEU B 56 -3.45 -21.35 1.96
C LEU B 56 -4.53 -20.27 1.90
N ARG B 57 -4.07 -19.02 1.80
CA ARG B 57 -5.00 -17.90 1.99
C ARG B 57 -6.06 -17.82 0.88
N PRO B 58 -5.67 -17.84 -0.40
CA PRO B 58 -6.77 -17.87 -1.37
C PRO B 58 -7.61 -19.15 -1.30
N MET B 59 -6.99 -20.29 -0.95
CA MET B 59 -7.78 -21.51 -0.78
C MET B 59 -8.86 -21.38 0.26
N LEU B 60 -8.55 -20.64 1.31
CA LEU B 60 -9.47 -20.47 2.41
C LEU B 60 -10.73 -19.74 1.93
N THR B 61 -10.53 -18.74 1.06
CA THR B 61 -11.69 -18.01 0.52
C THR B 61 -12.53 -18.88 -0.37
N LEU B 62 -11.89 -19.56 -1.33
CA LEU B 62 -12.59 -20.48 -2.22
C LEU B 62 -13.35 -21.56 -1.43
N ALA B 63 -12.67 -22.21 -0.48
CA ALA B 63 -13.28 -23.26 0.32
C ALA B 63 -14.51 -22.77 1.11
N ALA B 64 -14.37 -21.61 1.72
CA ALA B 64 -15.47 -21.02 2.49
C ALA B 64 -16.70 -20.72 1.59
N ALA B 65 -16.48 -20.13 0.43
CA ALA B 65 -17.56 -19.80 -0.47
C ALA B 65 -18.26 -21.09 -0.96
N ARG B 66 -17.48 -22.07 -1.41
CA ARG B 66 -18.03 -23.35 -1.93
C ARG B 66 -18.68 -24.15 -0.80
N LEU B 67 -18.12 -24.07 0.40
CA LEU B 67 -18.72 -24.75 1.54
C LEU B 67 -20.14 -24.27 1.88
N VAL B 68 -20.44 -23.00 1.68
CA VAL B 68 -21.79 -22.50 1.95
C VAL B 68 -22.67 -22.56 0.68
N GLY B 69 -22.19 -23.23 -0.37
CA GLY B 69 -22.97 -23.48 -1.57
C GLY B 69 -22.92 -22.46 -2.71
N TYR B 70 -21.89 -21.62 -2.72
CA TYR B 70 -21.78 -20.57 -3.73
C TYR B 70 -21.31 -21.20 -5.02
N GLY B 71 -21.92 -20.80 -6.12
CA GLY B 71 -21.59 -21.29 -7.44
C GLY B 71 -20.70 -20.36 -8.25
N GLY B 72 -20.29 -19.22 -7.70
CA GLY B 72 -19.41 -18.29 -8.41
C GLY B 72 -20.22 -17.11 -8.91
N PRO B 73 -19.56 -16.16 -9.57
CA PRO B 73 -18.14 -16.23 -9.91
C PRO B 73 -17.19 -15.47 -8.98
N PHE B 74 -17.73 -14.73 -8.02
CA PHE B 74 -16.92 -13.69 -7.36
C PHE B 74 -16.06 -14.18 -6.19
N HIS B 75 -16.16 -15.45 -5.84
CA HIS B 75 -15.23 -16.01 -4.85
C HIS B 75 -13.79 -16.06 -5.46
N VAL B 76 -13.72 -16.21 -6.76
CA VAL B 76 -12.41 -16.13 -7.48
C VAL B 76 -11.74 -14.76 -7.34
N HIS B 77 -12.52 -13.71 -7.59
CA HIS B 77 -12.07 -12.34 -7.41
C HIS B 77 -11.58 -12.11 -5.98
N LEU B 78 -12.34 -12.58 -5.00
CA LEU B 78 -11.98 -12.37 -3.61
C LEU B 78 -10.69 -13.11 -3.23
N ALA B 79 -10.60 -14.36 -3.66
CA ALA B 79 -9.38 -15.18 -3.44
C ALA B 79 -8.13 -14.52 -4.08
N ALA B 80 -8.27 -14.00 -5.31
CA ALA B 80 -7.18 -13.28 -5.95
C ALA B 80 -6.77 -12.01 -5.13
N THR B 81 -7.76 -11.29 -4.63
CA THR B 81 -7.51 -10.10 -3.85
C THR B 81 -6.77 -10.43 -2.54
N VAL B 82 -7.20 -11.47 -1.87
CA VAL B 82 -6.50 -11.96 -0.66
C VAL B 82 -5.03 -12.31 -0.99
N GLU B 83 -4.79 -12.94 -2.11
CA GLU B 83 -3.44 -13.25 -2.46
C GLU B 83 -2.63 -12.03 -2.84
N PHE B 84 -3.24 -11.11 -3.60
CA PHE B 84 -2.57 -9.81 -3.90
C PHE B 84 -2.17 -9.09 -2.61
N ILE B 85 -3.07 -9.03 -1.65
CA ILE B 85 -2.79 -8.37 -0.38
C ILE B 85 -1.62 -9.06 0.34
N HIS B 86 -1.64 -10.38 0.36
CA HIS B 86 -0.56 -11.13 1.02
C HIS B 86 0.74 -10.82 0.30
N THR B 87 0.72 -10.82 -1.04
CA THR B 87 1.94 -10.63 -1.79
C THR B 87 2.50 -9.22 -1.57
N ALA B 88 1.64 -8.21 -1.63
CA ALA B 88 2.03 -6.82 -1.33
C ALA B 88 2.63 -6.72 0.04
N THR B 89 2.01 -7.39 1.03
CA THR B 89 2.49 -7.40 2.43
C THR B 89 3.93 -7.98 2.53
N LEU B 90 4.16 -9.07 1.79
CA LEU B 90 5.49 -9.70 1.78
C LEU B 90 6.51 -8.78 1.16
N LEU B 91 6.19 -8.15 0.04
CA LEU B 91 7.12 -7.25 -0.62
C LEU B 91 7.54 -6.14 0.33
N HIS B 92 6.54 -5.58 1.04
CA HIS B 92 6.77 -4.48 2.01
C HIS B 92 7.50 -4.94 3.31
N ASP B 93 7.23 -6.13 3.81
CA ASP B 93 7.91 -6.69 4.99
C ASP B 93 9.41 -6.82 4.71
N ASP B 94 9.79 -7.05 3.45
CA ASP B 94 11.20 -7.24 3.05
C ASP B 94 11.96 -5.94 2.86
N VAL B 95 11.28 -4.87 2.46
CA VAL B 95 11.88 -3.55 2.52
C VAL B 95 12.11 -3.19 3.98
N VAL B 96 11.07 -3.35 4.80
CA VAL B 96 11.07 -2.97 6.23
C VAL B 96 12.28 -3.56 7.03
N ASP B 97 12.45 -4.89 7.05
CA ASP B 97 13.67 -5.47 7.67
C ASP B 97 14.86 -5.69 6.69
N GLU B 98 14.75 -5.09 5.49
CA GLU B 98 15.78 -5.09 4.45
C GLU B 98 16.38 -6.52 4.27
N SER B 99 15.51 -7.46 3.87
CA SER B 99 15.87 -8.89 3.80
C SER B 99 16.45 -9.26 2.44
N ARG B 100 17.50 -10.09 2.48
CA ARG B 100 18.24 -10.46 1.25
C ARG B 100 17.63 -11.67 0.53
N GLN B 101 17.05 -12.60 1.29
CA GLN B 101 16.43 -13.81 0.74
C GLN B 101 15.00 -14.06 1.22
N ARG B 102 14.21 -14.65 0.32
CA ARG B 102 12.86 -15.14 0.64
C ARG B 102 12.71 -16.50 -0.06
N ARG B 103 12.38 -17.54 0.71
CA ARG B 103 12.24 -18.89 0.17
C ARG B 103 13.51 -19.30 -0.59
N GLY B 104 14.67 -19.12 0.06
CA GLY B 104 15.98 -19.52 -0.50
C GLY B 104 16.46 -18.77 -1.74
N ARG B 105 15.63 -17.85 -2.26
CA ARG B 105 15.97 -17.07 -3.46
C ARG B 105 16.03 -15.57 -3.09
N PRO B 106 16.82 -14.77 -3.86
CA PRO B 106 17.00 -13.35 -3.54
C PRO B 106 15.67 -12.55 -3.58
N THR B 107 15.58 -11.58 -2.68
CA THR B 107 14.36 -10.77 -2.51
C THR B 107 14.25 -9.78 -3.64
N ALA B 108 13.03 -9.28 -3.86
CA ALA B 108 12.78 -8.31 -4.90
C ALA B 108 13.63 -7.06 -4.65
N ASN B 109 13.68 -6.62 -3.39
CA ASN B 109 14.44 -5.37 -3.03
C ASN B 109 15.95 -5.49 -3.21
N LEU B 110 16.50 -6.68 -2.98
CA LEU B 110 17.91 -7.00 -3.29
C LEU B 110 18.14 -7.03 -4.80
N LEU B 111 17.37 -7.90 -5.48
CA LEU B 111 17.46 -8.05 -6.94
C LEU B 111 17.27 -6.71 -7.69
N TRP B 112 16.36 -5.87 -7.20
CA TRP B 112 16.11 -4.56 -7.81
C TRP B 112 16.52 -3.42 -6.85
N ASP B 113 15.54 -2.84 -6.15
CA ASP B 113 15.78 -1.88 -5.07
C ASP B 113 14.53 -1.77 -4.17
N ASN B 114 14.69 -1.08 -3.04
CA ASN B 114 13.61 -0.91 -2.07
C ASN B 114 12.44 -0.21 -2.69
N LYS B 115 12.74 0.85 -3.43
CA LYS B 115 11.70 1.62 -4.10
C LYS B 115 10.86 0.71 -4.99
N SER B 116 11.50 -0.28 -5.64
CA SER B 116 10.76 -1.19 -6.55
C SER B 116 9.83 -2.10 -5.81
N SER B 117 10.31 -2.76 -4.77
CA SER B 117 9.46 -3.59 -3.98
C SER B 117 8.31 -2.79 -3.31
N VAL B 118 8.57 -1.55 -2.90
CA VAL B 118 7.52 -0.71 -2.34
C VAL B 118 6.48 -0.43 -3.39
N LEU B 119 6.93 0.01 -4.55
CA LEU B 119 6.03 0.47 -5.58
C LEU B 119 5.28 -0.70 -6.23
N VAL B 120 5.92 -1.85 -6.31
CA VAL B 120 5.23 -3.02 -6.86
C VAL B 120 4.16 -3.49 -5.90
N GLY B 121 4.46 -3.54 -4.62
CA GLY B 121 3.46 -3.86 -3.61
C GLY B 121 2.30 -2.87 -3.69
N ASP B 122 2.61 -1.59 -3.86
CA ASP B 122 1.50 -0.60 -3.96
C ASP B 122 0.58 -0.84 -5.20
N TYR B 123 1.23 -1.10 -6.33
CA TYR B 123 0.53 -1.43 -7.57
C TYR B 123 -0.42 -2.61 -7.39
N LEU B 124 0.04 -3.68 -6.76
CA LEU B 124 -0.78 -4.87 -6.57
C LEU B 124 -1.93 -4.60 -5.59
N PHE B 125 -1.63 -3.88 -4.53
CA PHE B 125 -2.65 -3.52 -3.58
C PHE B 125 -3.77 -2.73 -4.28
N ALA B 126 -3.41 -1.73 -5.05
CA ALA B 126 -4.38 -0.92 -5.78
C ALA B 126 -5.21 -1.74 -6.78
N ARG B 127 -4.52 -2.54 -7.59
CA ARG B 127 -5.18 -3.38 -8.54
C ARG B 127 -6.15 -4.36 -7.86
N SER B 128 -5.79 -4.82 -6.69
CA SER B 128 -6.64 -5.74 -6.00
C SER B 128 -7.94 -5.08 -5.56
N PHE B 129 -7.87 -3.83 -5.09
CA PHE B 129 -9.11 -3.13 -4.78
C PHE B 129 -9.92 -2.76 -6.01
N GLN B 130 -9.26 -2.41 -7.10
CA GLN B 130 -9.95 -2.16 -8.33
C GLN B 130 -10.74 -3.38 -8.73
N LEU B 131 -10.07 -4.54 -8.67
CA LEU B 131 -10.69 -5.82 -8.98
C LEU B 131 -11.93 -6.09 -8.11
N MET B 132 -11.85 -5.79 -6.80
CA MET B 132 -12.97 -6.03 -5.90
CA MET B 132 -12.96 -5.94 -5.80
C MET B 132 -14.25 -5.31 -6.27
N THR B 133 -14.12 -4.16 -6.92
CA THR B 133 -15.27 -3.37 -7.33
C THR B 133 -16.13 -4.10 -8.40
N ASP B 134 -15.52 -5.01 -9.15
CA ASP B 134 -16.28 -5.84 -10.07
C ASP B 134 -17.33 -6.69 -9.32
N THR B 135 -17.12 -6.98 -8.04
CA THR B 135 -18.06 -7.82 -7.33
C THR B 135 -19.34 -7.06 -6.96
N GLY B 136 -19.30 -5.73 -6.96
CA GLY B 136 -20.40 -4.91 -6.45
C GLY B 136 -20.71 -5.03 -4.95
N ASN B 137 -19.89 -5.76 -4.19
CA ASN B 137 -20.18 -6.00 -2.79
C ASN B 137 -19.31 -5.07 -1.92
N MET B 138 -19.92 -4.03 -1.35
CA MET B 138 -19.20 -3.11 -0.49
C MET B 138 -18.77 -3.76 0.83
N ARG B 139 -19.58 -4.64 1.40
CA ARG B 139 -19.26 -5.25 2.65
C ARG B 139 -17.91 -6.00 2.63
N VAL B 140 -17.64 -6.84 1.60
CA VAL B 140 -16.40 -7.60 1.56
C VAL B 140 -15.20 -6.67 1.30
N MET B 141 -15.45 -5.61 0.56
CA MET B 141 -14.44 -4.61 0.34
C MET B 141 -14.04 -3.93 1.62
N GLU B 142 -15.01 -3.53 2.44
CA GLU B 142 -14.71 -2.92 3.70
C GLU B 142 -13.90 -3.89 4.60
N ILE B 143 -14.27 -5.15 4.59
CA ILE B 143 -13.58 -6.16 5.39
C ILE B 143 -12.12 -6.34 4.96
N LEU B 144 -11.88 -6.44 3.66
CA LEU B 144 -10.54 -6.65 3.15
C LEU B 144 -9.67 -5.38 3.32
N ALA B 145 -10.28 -4.19 3.21
CA ALA B 145 -9.58 -2.95 3.50
C ALA B 145 -9.17 -2.86 4.94
N ASN B 146 -10.13 -3.13 5.82
CA ASN B 146 -9.83 -3.15 7.24
C ASN B 146 -8.70 -4.14 7.59
N ALA B 147 -8.78 -5.34 7.08
CA ALA B 147 -7.74 -6.33 7.34
C ALA B 147 -6.36 -5.82 6.87
N SER B 148 -6.32 -5.09 5.76
CA SER B 148 -5.07 -4.54 5.25
C SER B 148 -4.52 -3.53 6.20
N ALA B 149 -5.40 -2.69 6.76
CA ALA B 149 -5.02 -1.73 7.74
C ALA B 149 -4.45 -2.44 8.99
N VAL B 150 -5.19 -3.45 9.43
CA VAL B 150 -4.86 -4.24 10.61
C VAL B 150 -3.50 -4.99 10.45
N ILE B 151 -3.19 -5.43 9.26
CA ILE B 151 -1.87 -5.99 8.97
C ILE B 151 -0.80 -4.96 9.18
N ALA B 152 -0.92 -3.79 8.55
CA ALA B 152 0.05 -2.73 8.72
C ALA B 152 0.22 -2.33 10.17
N GLU B 153 -0.89 -2.20 10.88
CA GLU B 153 -0.88 -1.86 12.30
C GLU B 153 -0.15 -2.93 13.13
N GLY B 154 -0.41 -4.20 12.84
CA GLY B 154 0.25 -5.33 13.53
C GLY B 154 1.75 -5.32 13.32
N GLU B 155 2.17 -5.02 12.10
CA GLU B 155 3.58 -4.83 11.79
C GLU B 155 4.23 -3.65 12.50
N VAL B 156 3.55 -2.51 12.63
CA VAL B 156 4.07 -1.43 13.44
C VAL B 156 4.13 -1.81 14.94
N LEU B 157 3.09 -2.47 15.43
CA LEU B 157 3.12 -2.99 16.79
C LEU B 157 4.30 -3.95 17.03
N GLN B 158 4.59 -4.81 16.05
CA GLN B 158 5.67 -5.76 16.16
C GLN B 158 7.00 -5.03 16.36
N LEU B 159 7.16 -3.90 15.66
CA LEU B 159 8.35 -3.05 15.79
C LEU B 159 8.52 -2.44 17.19
N THR B 160 7.45 -1.94 17.78
CA THR B 160 7.54 -1.34 19.12
C THR B 160 7.65 -2.41 20.19
N ALA B 161 7.06 -3.57 19.94
CA ALA B 161 7.17 -4.68 20.86
C ALA B 161 8.60 -5.28 20.90
N ALA B 162 9.39 -5.10 19.84
CA ALA B 162 10.66 -5.80 19.75
C ALA B 162 11.65 -5.04 20.63
N GLN B 163 12.68 -5.75 21.11
CA GLN B 163 13.69 -5.15 21.97
C GLN B 163 13.13 -4.73 23.29
N ASN B 164 11.91 -5.13 23.61
CA ASN B 164 11.18 -4.59 24.75
C ASN B 164 10.63 -5.68 25.67
N LEU B 165 11.27 -5.88 26.83
CA LEU B 165 10.99 -6.97 27.73
C LEU B 165 9.66 -6.85 28.48
N ALA B 166 9.03 -5.67 28.40
CA ALA B 166 7.70 -5.46 28.95
C ALA B 166 6.59 -6.08 28.09
N THR B 167 6.88 -6.43 26.86
CA THR B 167 5.89 -7.11 25.99
C THR B 167 5.25 -8.34 26.67
N THR B 168 3.94 -8.34 26.73
CA THR B 168 3.14 -9.36 27.38
C THR B 168 2.61 -10.34 26.36
N GLU B 169 2.10 -11.47 26.82
CA GLU B 169 1.42 -12.43 25.92
C GLU B 169 0.23 -11.79 25.18
N ASP B 170 -0.49 -10.90 25.84
CA ASP B 170 -1.63 -10.20 25.24
C ASP B 170 -1.15 -9.35 24.06
N ILE B 171 -0.04 -8.63 24.23
CA ILE B 171 0.53 -7.83 23.14
C ILE B 171 0.98 -8.71 22.01
N TYR B 172 1.63 -9.83 22.34
CA TYR B 172 2.09 -10.75 21.33
C TYR B 172 0.91 -11.27 20.50
N LEU B 173 -0.19 -11.64 21.17
CA LEU B 173 -1.39 -12.13 20.50
C LEU B 173 -1.96 -11.05 19.55
N ARG B 174 -1.92 -9.80 19.97
CA ARG B 174 -2.35 -8.69 19.14
C ARG B 174 -1.47 -8.55 17.90
N VAL B 175 -0.16 -8.72 18.04
CA VAL B 175 0.75 -8.63 16.92
C VAL B 175 0.47 -9.73 15.94
N ILE B 176 0.33 -10.97 16.43
CA ILE B 176 0.19 -12.03 15.48
C ILE B 176 -1.21 -12.00 14.84
N ARG B 177 -2.22 -11.56 15.59
CA ARG B 177 -3.61 -11.44 15.11
C ARG B 177 -3.67 -10.40 13.99
N GLY B 178 -2.95 -9.29 14.17
CA GLY B 178 -2.90 -8.26 13.14
C GLY B 178 -2.09 -8.67 11.92
N LYS B 179 -0.85 -9.09 12.16
CA LYS B 179 0.12 -9.41 11.11
C LYS B 179 -0.23 -10.65 10.28
N THR B 180 -0.91 -11.61 10.91
CA THR B 180 -1.10 -12.92 10.28
C THR B 180 -2.54 -13.39 10.31
N ALA B 181 -3.20 -13.37 11.47
CA ALA B 181 -4.53 -13.98 11.59
C ALA B 181 -5.59 -13.18 10.84
N ALA B 182 -5.45 -11.85 10.83
CA ALA B 182 -6.46 -10.96 10.27
C ALA B 182 -6.75 -11.27 8.82
N LEU B 183 -5.73 -11.64 8.04
CA LEU B 183 -5.96 -11.98 6.67
C LEU B 183 -6.58 -13.35 6.48
N PHE B 184 -6.23 -14.30 7.35
CA PHE B 184 -6.87 -15.63 7.32
C PHE B 184 -8.35 -15.50 7.66
N SER B 185 -8.68 -14.77 8.73
CA SER B 185 -10.06 -14.56 9.11
C SER B 185 -10.88 -13.76 8.07
N ALA B 186 -10.29 -12.72 7.51
CA ALA B 186 -10.91 -11.99 6.39
C ALA B 186 -11.18 -12.92 5.23
N ALA B 187 -10.21 -13.76 4.88
CA ALA B 187 -10.31 -14.68 3.74
C ALA B 187 -11.53 -15.58 3.85
N THR B 188 -11.72 -16.21 5.03
CA THR B 188 -12.80 -17.13 5.20
C THR B 188 -14.11 -16.38 5.32
N GLU B 189 -14.12 -15.30 6.08
CA GLU B 189 -15.31 -14.49 6.28
C GLU B 189 -15.91 -14.00 4.93
N VAL B 190 -15.07 -13.50 4.04
CA VAL B 190 -15.58 -12.94 2.78
C VAL B 190 -16.11 -14.02 1.88
N GLY B 191 -15.57 -15.24 2.00
CA GLY B 191 -16.12 -16.36 1.25
C GLY B 191 -17.53 -16.72 1.72
N GLY B 192 -17.73 -16.75 3.04
CA GLY B 192 -19.08 -16.91 3.57
C GLY B 192 -20.04 -15.80 3.13
N ILE B 193 -19.57 -14.57 3.11
CA ILE B 193 -20.45 -13.43 2.76
C ILE B 193 -20.82 -13.46 1.30
N ILE B 194 -19.84 -13.71 0.44
CA ILE B 194 -20.14 -13.71 -0.97
C ILE B 194 -21.14 -14.83 -1.33
N GLY B 195 -21.08 -15.91 -0.58
CA GLY B 195 -22.00 -17.02 -0.74
C GLY B 195 -23.34 -16.84 -0.02
N GLY B 196 -23.55 -15.71 0.62
CA GLY B 196 -24.83 -15.37 1.21
C GLY B 196 -25.13 -16.21 2.41
N ALA B 197 -24.09 -16.68 3.10
CA ALA B 197 -24.32 -17.61 4.20
C ALA B 197 -25.02 -16.87 5.33
N PRO B 198 -25.78 -17.62 6.17
CA PRO B 198 -26.33 -17.10 7.41
C PRO B 198 -25.22 -16.45 8.26
N GLU B 199 -25.56 -15.39 8.99
CA GLU B 199 -24.54 -14.66 9.71
C GLU B 199 -23.83 -15.52 10.79
N ASP B 200 -24.50 -16.47 11.41
CA ASP B 200 -23.80 -17.35 12.34
C ASP B 200 -22.72 -18.20 11.65
N GLN B 201 -22.94 -18.57 10.40
CA GLN B 201 -21.92 -19.27 9.62
C GLN B 201 -20.78 -18.35 9.20
N VAL B 202 -21.11 -17.11 8.82
CA VAL B 202 -20.07 -16.11 8.55
C VAL B 202 -19.19 -15.94 9.76
N GLN B 203 -19.79 -15.77 10.94
CA GLN B 203 -19.02 -15.62 12.16
C GLN B 203 -18.18 -16.88 12.47
N ALA B 204 -18.72 -18.07 12.23
CA ALA B 204 -17.98 -19.29 12.50
C ALA B 204 -16.79 -19.37 11.55
N LEU B 205 -16.98 -18.95 10.31
CA LEU B 205 -15.87 -19.01 9.36
C LEU B 205 -14.80 -18.02 9.78
N PHE B 206 -15.23 -16.84 10.22
CA PHE B 206 -14.29 -15.86 10.73
C PHE B 206 -13.45 -16.48 11.88
N ASP B 207 -14.13 -17.13 12.83
CA ASP B 207 -13.51 -17.64 14.04
C ASP B 207 -12.56 -18.76 13.66
N TYR B 208 -12.97 -19.60 12.69
CA TYR B 208 -12.08 -20.63 12.13
C TYR B 208 -10.81 -20.04 11.59
N GLY B 209 -10.94 -19.03 10.75
CA GLY B 209 -9.80 -18.45 10.14
C GLY B 209 -8.89 -17.76 11.13
N ASP B 210 -9.47 -17.01 12.06
CA ASP B 210 -8.72 -16.32 13.11
C ASP B 210 -7.88 -17.30 13.92
N ALA B 211 -8.51 -18.36 14.41
CA ALA B 211 -7.80 -19.39 15.18
C ALA B 211 -6.70 -20.10 14.35
N LEU B 212 -7.00 -20.47 13.13
CA LEU B 212 -6.02 -21.15 12.31
C LEU B 212 -4.82 -20.24 12.08
N GLY B 213 -5.08 -18.96 11.81
CA GLY B 213 -3.98 -18.02 11.52
C GLY B 213 -3.10 -17.79 12.73
N ILE B 214 -3.73 -17.66 13.90
CA ILE B 214 -3.02 -17.62 15.16
C ILE B 214 -2.13 -18.87 15.33
N ALA B 215 -2.70 -20.06 15.17
CA ALA B 215 -1.93 -21.30 15.22
C ALA B 215 -0.80 -21.28 14.25
N PHE B 216 -1.06 -20.78 13.06
CA PHE B 216 -0.07 -20.83 12.01
C PHE B 216 1.18 -20.01 12.38
N GLN B 217 0.97 -18.82 12.93
CA GLN B 217 2.08 -17.97 13.34
C GLN B 217 2.80 -18.54 14.57
N ILE B 218 2.05 -19.02 15.56
CA ILE B 218 2.70 -19.64 16.72
C ILE B 218 3.57 -20.80 16.30
N VAL B 219 3.12 -21.62 15.36
CA VAL B 219 3.94 -22.72 14.85
C VAL B 219 5.26 -22.19 14.23
N ASP B 220 5.18 -21.16 13.43
CA ASP B 220 6.40 -20.57 12.88
C ASP B 220 7.33 -20.03 13.95
N ASP B 221 6.74 -19.34 14.94
CA ASP B 221 7.55 -18.76 16.04
C ASP B 221 8.21 -19.87 16.88
N LEU B 222 7.52 -20.99 17.07
CA LEU B 222 8.06 -22.13 17.79
C LEU B 222 9.22 -22.78 17.03
N LEU B 223 8.99 -23.00 15.74
CA LEU B 223 9.98 -23.64 14.91
C LEU B 223 11.22 -22.76 14.77
N ASP B 224 11.05 -21.45 14.90
CA ASP B 224 12.19 -20.54 14.82
C ASP B 224 13.23 -20.78 15.94
N TYR B 225 12.79 -21.33 17.07
CA TYR B 225 13.69 -21.70 18.20
C TYR B 225 13.93 -23.19 18.37
N GLY B 226 13.79 -23.92 17.26
CA GLY B 226 14.09 -25.35 17.21
C GLY B 226 12.97 -26.28 17.69
N GLY B 227 11.74 -25.77 17.83
CA GLY B 227 10.62 -26.60 18.27
C GLY B 227 10.73 -27.06 19.73
N LYS B 228 9.83 -27.96 20.12
CA LYS B 228 9.79 -28.48 21.49
C LYS B 228 11.17 -28.95 21.98
N SER B 229 11.92 -29.63 21.12
CA SER B 229 13.20 -30.21 21.51
C SER B 229 14.33 -29.16 21.61
N ALA B 230 14.07 -27.93 21.17
CA ALA B 230 15.07 -26.85 21.19
C ALA B 230 16.31 -27.26 20.39
N GLU B 231 16.11 -27.71 19.15
CA GLU B 231 17.24 -28.16 18.34
C GLU B 231 17.63 -27.14 17.28
N ILE B 232 18.92 -26.81 17.23
CA ILE B 232 19.41 -25.83 16.26
C ILE B 232 19.48 -26.48 14.85
N GLY B 233 19.04 -25.73 13.83
CA GLY B 233 19.11 -26.17 12.43
C GLY B 233 19.10 -25.01 11.44
N LYS B 234 18.82 -25.32 10.19
CA LYS B 234 18.73 -24.31 9.11
C LYS B 234 17.82 -23.11 9.44
N ASN B 235 16.55 -23.37 9.76
CA ASN B 235 15.57 -22.29 9.80
C ASN B 235 15.44 -21.66 11.19
N THR B 236 16.48 -21.70 12.03
CA THR B 236 16.34 -21.18 13.40
C THR B 236 17.16 -19.93 13.63
N GLY B 237 16.66 -19.08 14.54
CA GLY B 237 17.46 -17.96 15.02
C GLY B 237 17.14 -16.58 14.50
N ASP B 238 16.28 -16.46 13.47
CA ASP B 238 16.00 -15.14 12.91
C ASP B 238 15.26 -14.23 13.91
N ASP B 239 14.26 -14.75 14.61
CA ASP B 239 13.51 -13.91 15.51
C ASP B 239 14.41 -13.41 16.64
N PHE B 240 15.31 -14.30 17.08
CA PHE B 240 16.26 -14.00 18.17
C PHE B 240 17.19 -12.85 17.70
N ARG B 241 17.82 -13.03 16.56
CA ARG B 241 18.64 -11.91 15.94
C ARG B 241 17.89 -10.59 15.81
N GLU B 242 16.61 -10.64 15.42
CA GLU B 242 15.83 -9.41 15.30
C GLU B 242 15.23 -8.94 16.61
N ARG B 243 15.49 -9.71 17.68
CA ARG B 243 15.10 -9.31 19.02
C ARG B 243 13.60 -9.15 19.16
N LYS B 244 12.87 -9.97 18.41
CA LYS B 244 11.41 -10.00 18.51
C LYS B 244 10.95 -10.63 19.81
N LEU B 245 9.90 -10.07 20.41
CA LEU B 245 9.30 -10.66 21.61
C LEU B 245 8.18 -11.60 21.16
N THR B 246 8.54 -12.88 20.99
CA THR B 246 7.57 -13.93 20.66
C THR B 246 7.31 -14.80 21.88
N MET B 247 6.24 -15.58 21.83
CA MET B 247 5.80 -16.37 22.97
C MET B 247 6.93 -17.10 23.76
N PRO B 248 7.83 -17.84 23.08
CA PRO B 248 8.81 -18.64 23.86
C PRO B 248 9.77 -17.73 24.64
N VAL B 249 10.03 -16.54 24.09
CA VAL B 249 10.84 -15.56 24.82
C VAL B 249 10.06 -14.93 25.93
N ILE B 250 8.86 -14.41 25.62
CA ILE B 250 8.03 -13.73 26.64
C ILE B 250 7.84 -14.64 27.89
N LYS B 251 7.51 -15.90 27.65
CA LYS B 251 7.28 -16.84 28.75
C LYS B 251 8.55 -17.07 29.57
N ALA B 252 9.71 -17.11 28.92
CA ALA B 252 10.97 -17.35 29.67
C ALA B 252 11.32 -16.07 30.47
N VAL B 253 11.11 -14.90 29.88
CA VAL B 253 11.41 -13.65 30.53
C VAL B 253 10.55 -13.48 31.79
N ALA B 254 9.28 -13.87 31.71
CA ALA B 254 8.37 -13.81 32.84
C ALA B 254 8.79 -14.70 34.01
N LEU B 255 9.50 -15.79 33.71
CA LEU B 255 9.98 -16.72 34.72
C LEU B 255 11.45 -16.49 35.18
N ALA B 256 12.09 -15.47 34.62
CA ALA B 256 13.52 -15.21 34.81
C ALA B 256 13.80 -14.70 36.21
N ASP B 257 14.79 -15.23 36.87
CA ASP B 257 15.29 -14.56 38.08
C ASP B 257 16.20 -13.37 37.72
N GLU B 258 16.82 -12.73 38.72
CA GLU B 258 17.61 -11.55 38.49
C GLU B 258 18.73 -11.82 37.46
N ALA B 259 19.48 -12.91 37.62
CA ALA B 259 20.60 -13.16 36.66
C ALA B 259 20.11 -13.51 35.25
N GLU B 260 19.01 -14.27 35.16
CA GLU B 260 18.43 -14.58 33.84
C GLU B 260 17.92 -13.36 33.14
N ARG B 261 17.30 -12.46 33.90
CA ARG B 261 16.80 -11.21 33.35
C ARG B 261 17.94 -10.42 32.75
N ALA B 262 19.09 -10.40 33.42
CA ALA B 262 20.27 -9.73 32.87
C ALA B 262 20.70 -10.33 31.52
N PHE B 263 20.65 -11.65 31.39
CA PHE B 263 20.89 -12.29 30.10
C PHE B 263 19.91 -11.81 29.04
N TRP B 264 18.63 -11.87 29.35
CA TRP B 264 17.60 -11.40 28.40
C TRP B 264 17.77 -9.91 28.08
N LYS B 265 18.12 -9.12 29.07
CA LYS B 265 18.36 -7.70 28.87
C LYS B 265 19.51 -7.47 27.86
N ARG B 266 20.59 -8.21 28.07
CA ARG B 266 21.76 -8.17 27.22
C ARG B 266 21.42 -8.49 25.77
N VAL B 267 20.83 -9.64 25.54
CA VAL B 267 20.66 -10.15 24.20
C VAL B 267 19.42 -9.59 23.47
N ILE B 268 18.39 -9.18 24.21
CA ILE B 268 17.13 -8.67 23.62
C ILE B 268 17.07 -7.13 23.64
N GLU B 269 17.17 -6.54 24.84
CA GLU B 269 17.12 -5.08 25.00
C GLU B 269 18.33 -4.36 24.42
N LYS B 270 19.52 -4.73 24.88
CA LYS B 270 20.76 -4.12 24.39
C LYS B 270 21.19 -4.70 23.04
N GLY B 271 20.83 -5.94 22.74
CA GLY B 271 21.21 -6.56 21.47
C GLY B 271 22.66 -6.98 21.34
N ASP B 272 23.35 -7.12 22.47
CA ASP B 272 24.71 -7.62 22.49
C ASP B 272 24.65 -9.13 22.40
N GLN B 273 24.56 -9.65 21.19
CA GLN B 273 24.50 -11.09 21.00
C GLN B 273 25.84 -11.59 20.59
N GLN B 274 26.29 -12.69 21.17
CA GLN B 274 27.59 -13.22 20.89
C GLN B 274 27.42 -14.68 20.58
N ASP B 275 28.48 -15.32 20.10
CA ASP B 275 28.37 -16.73 19.74
C ASP B 275 27.96 -17.58 20.91
N GLY B 276 26.99 -18.46 20.65
CA GLY B 276 26.44 -19.32 21.68
C GLY B 276 25.16 -18.79 22.33
N ASP B 277 24.86 -17.51 22.17
CA ASP B 277 23.73 -16.89 22.84
C ASP B 277 22.36 -17.45 22.43
N LEU B 278 22.15 -17.74 21.14
CA LEU B 278 20.94 -18.47 20.77
C LEU B 278 20.75 -19.79 21.55
N GLU B 279 21.81 -20.56 21.64
CA GLU B 279 21.75 -21.83 22.35
C GLU B 279 21.52 -21.63 23.83
N HIS B 280 22.12 -20.58 24.39
CA HIS B 280 21.86 -20.23 25.79
C HIS B 280 20.40 -19.87 25.96
N ALA B 281 19.82 -19.14 25.01
CA ALA B 281 18.41 -18.74 25.13
C ALA B 281 17.53 -19.98 25.10
N MET B 282 17.82 -20.87 24.16
CA MET B 282 17.10 -22.13 24.03
C MET B 282 17.19 -22.96 25.34
N ALA B 283 18.34 -22.93 26.00
CA ALA B 283 18.51 -23.66 27.25
C ALA B 283 17.61 -23.10 28.34
N LEU B 284 17.46 -21.77 28.39
CA LEU B 284 16.55 -21.17 29.38
C LEU B 284 15.09 -21.50 29.07
N MET B 285 14.74 -21.46 27.77
CA MET B 285 13.42 -21.82 27.35
C MET B 285 13.07 -23.24 27.79
N THR B 286 13.99 -24.18 27.56
CA THR B 286 13.80 -25.57 27.90
C THR B 286 13.66 -25.76 29.43
N LYS B 287 14.54 -25.14 30.19
CA LYS B 287 14.45 -25.16 31.67
C LYS B 287 13.09 -24.73 32.17
N HIS B 288 12.54 -23.66 31.59
CA HIS B 288 11.24 -23.10 31.97
C HIS B 288 9.99 -23.67 31.27
N GLY B 289 10.19 -24.66 30.40
CA GLY B 289 9.14 -25.32 29.72
C GLY B 289 8.43 -24.46 28.67
N THR B 290 9.07 -23.40 28.20
CA THR B 290 8.38 -22.43 27.36
C THR B 290 8.20 -22.84 25.88
N LEU B 291 9.02 -23.74 25.40
CA LEU B 291 8.85 -24.27 24.03
C LEU B 291 7.67 -25.25 23.99
N GLU B 292 7.58 -26.14 25.02
CA GLU B 292 6.40 -26.99 25.16
C GLU B 292 5.16 -26.15 25.39
N ALA B 293 5.29 -25.09 26.19
CA ALA B 293 4.16 -24.24 26.45
C ALA B 293 3.68 -23.57 25.17
N THR B 294 4.62 -23.16 24.30
CA THR B 294 4.23 -22.54 23.02
C THR B 294 3.59 -23.58 22.12
N ARG B 295 4.11 -24.80 22.12
CA ARG B 295 3.49 -25.91 21.38
C ARG B 295 2.03 -26.07 21.80
N LEU B 296 1.79 -26.15 23.11
CA LEU B 296 0.43 -26.21 23.62
C LEU B 296 -0.47 -25.05 23.17
N ALA B 297 0.06 -23.82 23.13
CA ALA B 297 -0.74 -22.66 22.72
C ALA B 297 -1.18 -22.88 21.27
N ALA B 298 -0.25 -23.32 20.44
CA ALA B 298 -0.55 -23.59 19.01
C ALA B 298 -1.61 -24.68 18.82
N ILE B 299 -1.46 -25.82 19.48
CA ILE B 299 -2.40 -26.90 19.29
C ILE B 299 -3.76 -26.54 19.94
N GLY B 300 -3.73 -25.71 20.98
CA GLY B 300 -4.95 -25.17 21.59
C GLY B 300 -5.76 -24.33 20.62
N TRP B 301 -5.06 -23.46 19.87
CA TRP B 301 -5.73 -22.62 18.89
C TRP B 301 -6.35 -23.48 17.79
N THR B 302 -5.73 -24.62 17.44
CA THR B 302 -6.33 -25.49 16.41
C THR B 302 -7.59 -26.14 16.97
N ASP B 303 -7.63 -26.41 18.29
CA ASP B 303 -8.88 -26.86 18.91
C ASP B 303 -9.99 -25.84 18.77
N THR B 304 -9.67 -24.59 19.08
CA THR B 304 -10.60 -23.52 18.91
C THR B 304 -11.06 -23.42 17.45
N ALA B 305 -10.17 -23.58 16.49
CA ALA B 305 -10.52 -23.52 15.08
C ALA B 305 -11.47 -24.62 14.73
N ARG B 306 -11.12 -25.84 15.10
CA ARG B 306 -11.97 -27.01 14.87
C ARG B 306 -13.36 -26.87 15.45
N LYS B 307 -13.48 -26.33 16.66
CA LYS B 307 -14.81 -26.06 17.29
C LYS B 307 -15.68 -25.10 16.50
N ALA B 308 -15.04 -24.08 15.93
CA ALA B 308 -15.76 -23.13 15.13
C ALA B 308 -16.43 -23.78 13.91
N LEU B 309 -15.81 -24.82 13.35
CA LEU B 309 -16.40 -25.49 12.18
C LEU B 309 -17.75 -26.16 12.41
N ALA B 310 -18.03 -26.49 13.67
CA ALA B 310 -19.21 -27.25 14.03
C ALA B 310 -20.50 -26.56 13.59
N LYS B 311 -20.49 -25.23 13.42
CA LYS B 311 -21.70 -24.52 12.95
C LYS B 311 -21.88 -24.51 11.45
N LEU B 312 -20.95 -25.10 10.72
CA LEU B 312 -21.00 -25.07 9.27
C LEU B 312 -21.61 -26.39 8.72
N PRO B 313 -22.11 -26.39 7.47
CA PRO B 313 -22.77 -27.59 6.95
C PRO B 313 -21.81 -28.73 6.76
N ASP B 314 -22.31 -29.95 6.84
CA ASP B 314 -21.45 -31.12 6.75
C ASP B 314 -21.13 -31.47 5.28
N HIS B 315 -20.25 -30.67 4.69
CA HIS B 315 -19.85 -30.69 3.30
C HIS B 315 -18.43 -31.29 3.30
N PRO B 316 -18.02 -31.94 2.19
CA PRO B 316 -16.65 -32.46 2.19
C PRO B 316 -15.60 -31.38 2.52
N LEU B 317 -15.87 -30.12 2.18
CA LEU B 317 -14.94 -29.05 2.46
C LEU B 317 -14.83 -28.77 3.94
N ARG B 318 -15.90 -28.97 4.69
CA ARG B 318 -15.79 -28.82 6.13
C ARG B 318 -14.76 -29.80 6.70
N GLN B 319 -14.83 -31.06 6.30
CA GLN B 319 -13.87 -32.05 6.79
CA GLN B 319 -13.87 -32.08 6.74
C GLN B 319 -12.46 -31.70 6.32
N MET B 320 -12.29 -31.21 5.10
CA MET B 320 -10.97 -30.85 4.63
C MET B 320 -10.38 -29.67 5.44
N LEU B 321 -11.21 -28.71 5.86
CA LEU B 321 -10.77 -27.62 6.71
C LEU B 321 -10.41 -28.10 8.11
N ASP B 322 -11.14 -29.11 8.57
CA ASP B 322 -10.81 -29.79 9.82
C ASP B 322 -9.39 -30.42 9.71
N ASP B 323 -9.14 -31.17 8.64
CA ASP B 323 -7.81 -31.77 8.44
C ASP B 323 -6.76 -30.67 8.29
N LEU B 324 -7.14 -29.56 7.68
CA LEU B 324 -6.17 -28.49 7.48
C LEU B 324 -5.69 -27.94 8.86
N ALA B 325 -6.56 -27.93 9.85
CA ALA B 325 -6.15 -27.48 11.18
C ALA B 325 -5.11 -28.41 11.76
N ASP B 326 -5.31 -29.73 11.58
CA ASP B 326 -4.28 -30.71 11.97
C ASP B 326 -2.96 -30.42 11.23
N TYR B 327 -3.08 -30.27 9.91
CA TYR B 327 -1.93 -29.98 9.03
C TYR B 327 -1.10 -28.78 9.48
N VAL B 328 -1.74 -27.69 9.89
CA VAL B 328 -1.01 -26.47 10.28
C VAL B 328 -0.04 -26.76 11.44
N VAL B 329 -0.38 -27.71 12.33
CA VAL B 329 0.45 -28.04 13.50
C VAL B 329 1.15 -29.37 13.39
N GLU B 330 1.10 -29.98 12.20
CA GLU B 330 1.71 -31.29 12.02
C GLU B 330 3.18 -31.28 12.38
N ARG B 331 3.88 -30.20 12.03
CA ARG B 331 5.31 -30.12 12.30
C ARG B 331 5.63 -30.02 13.79
N VAL B 332 4.64 -29.74 14.65
CA VAL B 332 4.92 -29.75 16.11
C VAL B 332 4.15 -30.85 16.88
N ARG B 333 3.65 -31.86 16.18
CA ARG B 333 2.91 -32.95 16.80
C ARG B 333 3.86 -33.84 17.59
N GLU B 334 3.40 -34.34 18.75
CA GLU B 334 4.17 -35.27 19.63
C GLU B 334 3.33 -36.52 19.91
#